data_6INE
#
_entry.id   6INE
#
_cell.length_a   73.120
_cell.length_b   73.120
_cell.length_c   202.818
_cell.angle_alpha   90.000
_cell.angle_beta   90.000
_cell.angle_gamma   90.000
#
_symmetry.space_group_name_H-M   'P 43 21 2'
#
loop_
_entity.id
_entity.type
_entity.pdbx_description
1 polymer 'Histone-lysine N-methyltransferase ASH1L'
2 polymer 'Mortality factor 4-like protein 1'
3 non-polymer 'ZINC ION'
4 non-polymer S-ADENOSYLMETHIONINE
5 non-polymer GLYCEROL
6 water water
#
loop_
_entity_poly.entity_id
_entity_poly.type
_entity_poly.pdbx_seq_one_letter_code
_entity_poly.pdbx_strand_id
1 'polypeptide(L)'
;MADPGLFPAPIHVGKYLRQKRIDFQLPYDILWQWKHNQLYKKPDVPLYKKIRSNVYVDVKPLSGYEATTCNCKKPDDDTR
KGCVDDCLNRMIFAECSPNTCPCGEQCCNQRIQRHEWVQCLERFRAEEKGWGIRTKEPLKAGQFIIEYLGEVVSEQEFRN
RMIEQYHNHSDHYCLNLDSGMVIDSYRMGNEARFINHSCDPNCEMQKWSVNGVYRIGLYALKDMPAGTELTYDYNFHSFN
VEKQQLCKCGFEKCRGIIGGKSQRVNG
;
A
2 'polypeptide(L)'
;SSDPMNRVEVKVKIPEELKPWLVDDWDLITRQKQLFYLPAKKNVDSILEDYANYKKSRGNTDNKEYAVNEVVAGIKEYFN
VMLGTQLLYKFERPQYAEILADHPDAPMSQVYGAPHLLRLFVRIGAMLAYTPLDEKSLALLLNYLHDFLKYLAKNSATLF
SASDYEVAPPEYHRKAV
;
B
#
loop_
_chem_comp.id
_chem_comp.type
_chem_comp.name
_chem_comp.formula
GOL non-polymer GLYCEROL 'C3 H8 O3'
SAM non-polymer S-ADENOSYLMETHIONINE 'C15 H22 N6 O5 S'
ZN non-polymer 'ZINC ION' 'Zn 2'
#
# COMPACT_ATOMS: atom_id res chain seq x y z
N PRO A 4 10.44 -28.28 16.06
CA PRO A 4 9.87 -26.94 15.90
C PRO A 4 8.54 -26.94 15.14
N GLY A 5 8.26 -25.87 14.43
CA GLY A 5 7.08 -25.75 13.60
C GLY A 5 7.12 -24.52 12.74
N LEU A 6 6.21 -24.35 11.81
CA LEU A 6 6.25 -23.15 11.01
C LEU A 6 5.66 -21.96 11.74
N PHE A 7 4.70 -22.22 12.61
CA PHE A 7 4.05 -21.21 13.38
C PHE A 7 3.98 -21.66 14.79
N PRO A 8 5.10 -21.69 15.48
CA PRO A 8 5.09 -22.12 16.88
C PRO A 8 4.57 -21.01 17.80
N ALA A 9 4.13 -21.45 18.97
CA ALA A 9 3.67 -20.53 19.99
C ALA A 9 4.85 -19.79 20.61
N PRO A 10 4.65 -18.63 21.25
CA PRO A 10 5.73 -17.89 21.81
C PRO A 10 6.19 -18.54 23.11
N ILE A 11 7.48 -18.54 23.36
CA ILE A 11 8.01 -19.18 24.60
C ILE A 11 8.33 -18.11 25.63
N HIS A 12 8.68 -18.57 26.83
CA HIS A 12 9.06 -17.71 27.96
C HIS A 12 8.05 -16.59 28.00
N VAL A 13 8.56 -15.38 28.07
CA VAL A 13 7.66 -14.25 28.28
C VAL A 13 6.63 -13.97 27.19
N GLY A 14 6.68 -14.69 26.09
CA GLY A 14 5.66 -14.55 25.07
C GLY A 14 4.34 -15.19 25.46
N LYS A 15 4.41 -16.34 26.16
CA LYS A 15 3.20 -16.98 26.66
C LYS A 15 2.45 -16.06 27.62
N TYR A 16 3.19 -15.46 28.56
CA TYR A 16 2.59 -14.54 29.52
C TYR A 16 1.95 -13.34 28.83
N LEU A 17 2.64 -12.77 27.85
CA LEU A 17 2.10 -11.60 27.17
C LEU A 17 0.88 -11.96 26.32
N ARG A 18 0.92 -13.13 25.68
CA ARG A 18 -0.21 -13.58 24.87
C ARG A 18 -1.44 -13.80 25.74
N GLN A 19 -1.27 -14.36 26.93
CA GLN A 19 -2.39 -14.60 27.84
C GLN A 19 -2.71 -13.39 28.72
N LYS A 20 -2.07 -12.25 28.48
CA LYS A 20 -2.35 -11.05 29.27
C LYS A 20 -3.67 -10.42 28.82
N ARG A 21 -4.48 -10.03 29.79
CA ARG A 21 -5.77 -9.41 29.50
C ARG A 21 -5.56 -7.91 29.28
N ILE A 22 -5.85 -7.45 28.06
CA ILE A 22 -5.67 -6.05 27.67
C ILE A 22 -6.85 -5.67 26.79
N ASP A 23 -7.57 -4.61 27.18
CA ASP A 23 -8.71 -4.17 26.39
C ASP A 23 -8.23 -3.68 25.02
N PHE A 24 -8.91 -4.15 23.97
CA PHE A 24 -8.47 -3.86 22.62
C PHE A 24 -8.51 -2.37 22.33
N GLN A 25 -7.44 -1.87 21.70
CA GLN A 25 -7.30 -0.48 21.36
C GLN A 25 -6.87 -0.38 19.91
N LEU A 26 -7.60 0.40 19.13
CA LEU A 26 -7.20 0.62 17.75
C LEU A 26 -6.03 1.60 17.72
N PRO A 27 -4.94 1.28 17.04
CA PRO A 27 -3.79 2.18 17.00
C PRO A 27 -4.15 3.50 16.33
N TYR A 28 -3.44 4.57 16.74
CA TYR A 28 -3.77 5.89 16.22
C TYR A 28 -3.40 6.04 14.76
N ASP A 29 -2.40 5.29 14.27
CA ASP A 29 -2.06 5.33 12.86
C ASP A 29 -3.13 4.70 11.98
N ILE A 30 -4.19 4.15 12.59
CA ILE A 30 -5.40 3.79 11.88
C ILE A 30 -6.59 4.63 12.35
N LEU A 31 -6.68 4.89 13.66
CA LEU A 31 -7.84 5.56 14.24
C LEU A 31 -7.92 7.04 13.87
N TRP A 32 -6.79 7.68 13.53
CA TRP A 32 -6.83 9.07 13.08
C TRP A 32 -7.82 9.27 11.93
N GLN A 33 -7.96 8.25 11.08
CA GLN A 33 -8.88 8.33 9.96
C GLN A 33 -10.29 8.67 10.41
N TRP A 34 -10.72 8.14 11.56
CA TRP A 34 -12.07 8.39 12.04
C TRP A 34 -12.29 9.87 12.35
N LYS A 35 -11.36 10.48 13.09
CA LYS A 35 -11.47 11.90 13.38
C LYS A 35 -11.42 12.72 12.09
N HIS A 36 -10.58 12.31 11.15
CA HIS A 36 -10.53 13.02 9.87
C HIS A 36 -11.86 12.91 9.13
N ASN A 37 -12.48 11.73 9.17
CA ASN A 37 -13.77 11.50 8.52
C ASN A 37 -14.90 12.23 9.23
N GLN A 38 -14.72 12.60 10.49
CA GLN A 38 -15.72 13.42 11.16
C GLN A 38 -15.50 14.90 10.87
N LEU A 39 -14.25 15.33 10.71
CA LEU A 39 -13.97 16.74 10.47
C LEU A 39 -14.27 17.13 9.03
N TYR A 40 -13.80 16.32 8.09
CA TYR A 40 -14.13 16.38 6.68
C TYR A 40 -14.83 15.07 6.34
N LYS A 41 -15.11 14.83 5.07
CA LYS A 41 -15.81 13.59 4.79
C LYS A 41 -14.83 12.45 4.55
N LYS A 42 -15.35 11.22 4.67
CA LYS A 42 -14.59 10.06 4.25
C LYS A 42 -14.21 10.21 2.78
N PRO A 43 -12.93 10.11 2.42
CA PRO A 43 -12.54 10.36 1.04
C PRO A 43 -13.07 9.27 0.10
N ASP A 44 -13.61 9.72 -1.03
CA ASP A 44 -14.04 8.80 -2.07
C ASP A 44 -12.84 8.09 -2.68
N VAL A 45 -13.10 6.96 -3.34
CA VAL A 45 -12.09 6.32 -4.16
C VAL A 45 -11.69 7.31 -5.24
N PRO A 46 -10.40 7.64 -5.37
CA PRO A 46 -9.97 8.60 -6.40
C PRO A 46 -10.06 7.97 -7.78
N LEU A 47 -10.92 8.53 -8.64
CA LEU A 47 -11.17 7.98 -9.96
C LEU A 47 -10.51 8.83 -11.03
N TYR A 48 -10.02 8.16 -12.07
CA TYR A 48 -9.37 8.77 -13.22
C TYR A 48 -9.18 7.68 -14.26
N LYS A 49 -8.90 8.09 -15.49
CA LYS A 49 -8.69 7.12 -16.57
C LYS A 49 -7.25 6.64 -16.51
N LYS A 50 -7.06 5.36 -16.18
CA LYS A 50 -5.73 4.77 -16.13
C LYS A 50 -5.23 4.54 -17.54
N ILE A 51 -4.06 5.08 -17.87
CA ILE A 51 -3.44 4.91 -19.16
C ILE A 51 -2.03 4.38 -18.95
N ARG A 52 -1.51 3.70 -19.98
CA ARG A 52 -0.15 3.17 -19.95
C ARG A 52 0.83 3.99 -20.77
N SER A 53 0.36 4.98 -21.51
CA SER A 53 1.21 5.84 -22.31
C SER A 53 0.58 7.22 -22.37
N ASN A 54 1.42 8.25 -22.52
CA ASN A 54 0.93 9.63 -22.58
C ASN A 54 -0.08 9.79 -23.71
N VAL A 55 -1.00 10.73 -23.52
CA VAL A 55 -2.04 11.03 -24.51
C VAL A 55 -1.82 12.47 -24.98
N TYR A 56 -1.58 12.62 -26.28
CA TYR A 56 -1.27 13.93 -26.86
C TYR A 56 -2.56 14.63 -27.28
N VAL A 57 -2.78 15.83 -26.78
CA VAL A 57 -4.03 16.55 -27.06
C VAL A 57 -3.86 17.55 -28.19
N ASP A 58 -3.06 18.60 -27.98
CA ASP A 58 -2.88 19.65 -28.98
C ASP A 58 -1.40 19.93 -29.25
N VAL A 59 -0.50 19.12 -28.68
CA VAL A 59 0.93 19.23 -28.90
C VAL A 59 1.50 17.81 -28.94
N LYS A 60 2.66 17.67 -29.56
CA LYS A 60 3.40 16.42 -29.54
C LYS A 60 4.81 16.74 -29.09
N PRO A 61 5.23 16.30 -27.91
CA PRO A 61 6.54 16.72 -27.35
C PRO A 61 7.72 16.03 -28.02
N LEU A 62 8.01 16.45 -29.25
CA LEU A 62 9.14 15.90 -29.98
C LEU A 62 10.45 16.50 -29.46
N SER A 63 11.48 15.67 -29.37
CA SER A 63 12.78 16.10 -28.89
C SER A 63 13.77 16.37 -30.01
N GLY A 64 13.47 15.97 -31.24
CA GLY A 64 14.35 16.21 -32.36
C GLY A 64 15.62 15.40 -32.38
N TYR A 65 15.78 14.45 -31.46
CA TYR A 65 17.02 13.69 -31.32
C TYR A 65 16.79 12.23 -31.65
N GLU A 66 17.49 11.73 -32.65
CA GLU A 66 17.54 10.31 -32.99
C GLU A 66 18.69 9.67 -32.21
N ALA A 67 18.37 8.73 -31.34
CA ALA A 67 19.41 8.09 -30.53
C ALA A 67 20.21 7.13 -31.41
N THR A 68 21.45 7.47 -31.68
CA THR A 68 22.36 6.60 -32.42
C THR A 68 23.20 5.79 -31.43
N THR A 69 24.03 4.91 -31.97
CA THR A 69 24.79 3.96 -31.14
C THR A 69 25.79 4.69 -30.26
N CYS A 70 26.07 4.09 -29.11
CA CYS A 70 27.14 4.51 -28.23
C CYS A 70 28.37 3.66 -28.49
N ASN A 71 29.38 3.79 -27.62
CA ASN A 71 30.51 2.87 -27.61
C ASN A 71 30.42 1.89 -26.44
N CYS A 72 29.23 1.68 -25.90
CA CYS A 72 29.07 0.79 -24.76
C CYS A 72 29.45 -0.63 -25.12
N LYS A 73 30.11 -1.30 -24.17
CA LYS A 73 30.59 -2.66 -24.32
C LYS A 73 29.49 -3.64 -23.93
N LYS A 74 29.24 -4.61 -24.81
CA LYS A 74 28.26 -5.66 -24.54
C LYS A 74 28.91 -6.71 -23.63
N PRO A 75 28.47 -6.84 -22.39
CA PRO A 75 29.08 -7.82 -21.49
C PRO A 75 28.92 -9.23 -22.03
N ASP A 76 30.01 -10.01 -21.95
CA ASP A 76 29.95 -11.40 -22.39
C ASP A 76 29.08 -12.22 -21.44
N ASP A 77 29.25 -12.02 -20.13
CA ASP A 77 28.35 -12.59 -19.14
C ASP A 77 26.97 -11.99 -19.31
N ASP A 78 26.00 -12.81 -19.71
CA ASP A 78 24.63 -12.34 -19.88
C ASP A 78 23.93 -12.05 -18.55
N THR A 79 24.64 -12.19 -17.43
CA THR A 79 24.04 -11.89 -16.12
C THR A 79 24.02 -10.39 -15.85
N ARG A 80 25.07 -9.67 -16.22
CA ARG A 80 25.16 -8.25 -15.94
C ARG A 80 24.62 -7.42 -17.10
N LYS A 81 24.04 -6.27 -16.75
CA LYS A 81 23.42 -5.40 -17.74
C LYS A 81 24.47 -4.59 -18.49
N GLY A 82 24.12 -4.20 -19.72
CA GLY A 82 25.06 -3.57 -20.62
C GLY A 82 25.35 -2.09 -20.42
N CYS A 83 24.34 -1.23 -20.59
CA CYS A 83 24.58 0.22 -20.62
C CYS A 83 24.43 0.79 -19.21
N VAL A 84 25.50 0.72 -18.44
CA VAL A 84 25.47 1.23 -17.04
C VAL A 84 25.97 2.66 -17.11
N ASP A 85 26.24 3.24 -15.94
CA ASP A 85 26.46 4.68 -15.70
C ASP A 85 27.31 5.39 -16.76
N ASP A 86 28.23 4.73 -17.43
CA ASP A 86 29.14 5.41 -18.40
C ASP A 86 28.59 5.36 -19.83
N CYS A 87 27.30 5.12 -20.02
CA CYS A 87 26.75 5.18 -21.37
C CYS A 87 26.61 6.63 -21.84
N LEU A 88 27.06 6.91 -23.07
CA LEU A 88 27.00 8.27 -23.58
C LEU A 88 25.57 8.72 -23.83
N ASN A 89 24.73 7.81 -24.34
CA ASN A 89 23.31 8.13 -24.49
C ASN A 89 22.69 8.45 -23.13
N ARG A 90 22.92 7.58 -22.14
CA ARG A 90 22.43 7.84 -20.79
C ARG A 90 22.95 9.17 -20.27
N MET A 91 24.17 9.55 -20.65
CA MET A 91 24.75 10.80 -20.16
C MET A 91 24.18 12.03 -20.83
N ILE A 92 23.65 11.91 -22.05
CA ILE A 92 22.88 13.00 -22.64
C ILE A 92 21.38 12.80 -22.45
N PHE A 93 20.99 11.97 -21.47
CA PHE A 93 19.60 11.76 -21.07
C PHE A 93 18.74 11.30 -22.25
N ALA A 94 19.32 10.46 -23.10
CA ALA A 94 18.61 9.81 -24.18
C ALA A 94 18.66 8.30 -23.96
N GLU A 95 17.50 7.65 -24.00
CA GLU A 95 17.49 6.20 -23.95
C GLU A 95 17.97 5.63 -25.27
N CYS A 96 18.66 4.49 -25.18
CA CYS A 96 19.22 3.87 -26.37
C CYS A 96 18.09 3.41 -27.30
N SER A 97 18.44 3.32 -28.58
CA SER A 97 17.43 2.71 -29.44
C SER A 97 17.70 1.20 -29.57
N PRO A 98 16.66 0.38 -29.62
CA PRO A 98 16.88 -1.06 -29.75
C PRO A 98 17.52 -1.46 -31.08
N ASN A 99 17.31 -0.65 -32.13
CA ASN A 99 17.87 -0.98 -33.44
C ASN A 99 19.35 -0.63 -33.54
N THR A 100 19.87 0.25 -32.67
CA THR A 100 21.24 0.71 -32.79
C THR A 100 22.11 0.39 -31.60
N CYS A 101 21.56 -0.14 -30.52
CA CYS A 101 22.36 -0.33 -29.31
C CYS A 101 23.27 -1.54 -29.46
N PRO A 102 24.57 -1.40 -29.14
CA PRO A 102 25.46 -2.57 -29.23
C PRO A 102 25.20 -3.63 -28.18
N CYS A 103 24.53 -3.30 -27.08
CA CYS A 103 24.26 -4.25 -26.02
C CYS A 103 23.01 -5.08 -26.26
N GLY A 104 22.22 -4.76 -27.28
CA GLY A 104 21.07 -5.59 -27.61
C GLY A 104 20.03 -5.58 -26.51
N GLU A 105 19.56 -6.77 -26.16
CA GLU A 105 18.56 -6.94 -25.10
C GLU A 105 19.17 -7.01 -23.71
N GLN A 106 20.47 -6.74 -23.58
CA GLN A 106 21.12 -6.59 -22.28
C GLN A 106 21.23 -5.14 -21.85
N CYS A 107 20.82 -4.20 -22.71
CA CYS A 107 20.94 -2.79 -22.41
C CYS A 107 19.91 -2.38 -21.36
N CYS A 108 20.38 -1.71 -20.30
CA CYS A 108 19.50 -1.18 -19.26
C CYS A 108 19.30 0.33 -19.40
N ASN A 109 19.49 0.87 -20.60
CA ASN A 109 19.17 2.27 -20.89
C ASN A 109 17.93 2.36 -21.76
N GLN A 110 16.97 1.46 -21.52
CA GLN A 110 15.68 1.47 -22.18
C GLN A 110 14.56 1.27 -21.16
N ARG A 111 14.75 1.82 -19.96
CA ARG A 111 13.84 1.51 -18.85
C ARG A 111 12.46 2.11 -19.07
N ILE A 112 12.40 3.33 -19.62
CA ILE A 112 11.09 3.97 -19.82
C ILE A 112 10.34 3.30 -20.96
N GLN A 113 11.01 3.09 -22.09
CA GLN A 113 10.33 2.53 -23.26
C GLN A 113 9.94 1.07 -23.05
N ARG A 114 10.69 0.33 -22.24
CA ARG A 114 10.32 -1.03 -21.88
C ARG A 114 9.37 -1.07 -20.69
N HIS A 115 8.90 0.09 -20.22
CA HIS A 115 7.96 0.18 -19.11
C HIS A 115 8.40 -0.63 -17.91
N GLU A 116 9.68 -0.48 -17.55
CA GLU A 116 10.24 -1.21 -16.43
C GLU A 116 9.88 -0.52 -15.12
N TRP A 117 8.59 -0.26 -14.92
CA TRP A 117 8.12 0.37 -13.69
C TRP A 117 8.38 -0.53 -12.50
N VAL A 118 8.76 0.09 -11.38
CA VAL A 118 8.75 -0.62 -10.11
C VAL A 118 7.33 -1.06 -9.79
N GLN A 119 7.18 -2.34 -9.45
CA GLN A 119 5.85 -2.94 -9.28
C GLN A 119 5.45 -3.08 -7.82
N CYS A 120 6.11 -2.37 -6.90
CA CYS A 120 5.83 -2.50 -5.48
C CYS A 120 5.28 -1.22 -4.86
N LEU A 121 4.64 -0.37 -5.67
CA LEU A 121 4.06 0.86 -5.15
C LEU A 121 2.65 0.62 -4.64
N GLU A 122 2.23 1.43 -3.68
CA GLU A 122 0.94 1.28 -3.02
C GLU A 122 0.41 2.66 -2.64
N ARG A 123 -0.86 2.91 -2.96
CA ARG A 123 -1.50 4.16 -2.57
C ARG A 123 -2.00 4.06 -1.14
N PHE A 124 -1.71 5.09 -0.34
CA PHE A 124 -2.06 5.09 1.08
C PHE A 124 -2.61 6.46 1.45
N ARG A 125 -3.12 6.55 2.67
CA ARG A 125 -3.71 7.78 3.20
C ARG A 125 -2.70 8.45 4.13
N ALA A 126 -2.29 9.65 3.79
CA ALA A 126 -1.37 10.45 4.60
C ALA A 126 -2.15 11.52 5.34
N GLU A 127 -1.82 11.71 6.62
CA GLU A 127 -2.64 12.44 7.58
C GLU A 127 -3.13 13.77 7.04
N GLU A 128 -2.21 14.69 6.75
CA GLU A 128 -2.59 16.02 6.30
C GLU A 128 -2.29 16.25 4.83
N LYS A 129 -1.91 15.20 4.09
CA LYS A 129 -1.55 15.33 2.69
C LYS A 129 -2.47 14.55 1.77
N GLY A 130 -3.50 13.86 2.29
CA GLY A 130 -4.47 13.23 1.42
C GLY A 130 -4.03 11.86 0.94
N TRP A 131 -3.95 11.65 -0.36
CA TRP A 131 -3.43 10.41 -0.90
C TRP A 131 -1.93 10.55 -1.13
N GLY A 132 -1.19 9.46 -0.86
CA GLY A 132 0.22 9.42 -1.14
C GLY A 132 0.59 8.06 -1.70
N ILE A 133 1.82 7.95 -2.17
CA ILE A 133 2.35 6.72 -2.73
C ILE A 133 3.54 6.28 -1.87
N ARG A 134 3.52 5.03 -1.43
CA ARG A 134 4.64 4.45 -0.72
C ARG A 134 5.16 3.25 -1.49
N THR A 135 6.39 2.85 -1.19
CA THR A 135 7.00 1.67 -1.78
C THR A 135 6.96 0.53 -0.79
N LYS A 136 6.50 -0.65 -1.24
CA LYS A 136 6.41 -1.80 -0.36
C LYS A 136 7.73 -2.55 -0.22
N GLU A 137 8.69 -2.30 -1.10
CA GLU A 137 10.02 -2.90 -1.04
C GLU A 137 11.06 -1.80 -0.92
N PRO A 138 12.32 -2.11 -0.61
CA PRO A 138 13.34 -1.07 -0.61
C PRO A 138 13.74 -0.68 -2.02
N LEU A 139 14.17 0.57 -2.17
CA LEU A 139 14.66 1.11 -3.43
C LEU A 139 16.05 1.68 -3.22
N LYS A 140 16.87 1.56 -4.25
CA LYS A 140 18.23 2.11 -4.24
C LYS A 140 18.28 3.39 -5.07
N ALA A 141 19.23 4.26 -4.74
CA ALA A 141 19.34 5.55 -5.41
C ALA A 141 19.55 5.37 -6.92
N GLY A 142 18.97 6.28 -7.70
CA GLY A 142 19.06 6.22 -9.14
C GLY A 142 18.13 5.21 -9.79
N GLN A 143 17.39 4.44 -9.01
CA GLN A 143 16.45 3.49 -9.57
C GLN A 143 15.31 4.19 -10.29
N PHE A 144 14.98 3.71 -11.49
CA PHE A 144 13.79 4.16 -12.18
C PHE A 144 12.57 3.54 -11.50
N ILE A 145 11.66 4.38 -11.05
CA ILE A 145 10.51 3.94 -10.25
C ILE A 145 9.26 3.80 -11.11
N ILE A 146 8.89 4.87 -11.82
CA ILE A 146 7.64 4.91 -12.56
C ILE A 146 7.74 6.06 -13.57
N GLU A 147 6.88 6.03 -14.58
CA GLU A 147 6.77 7.14 -15.51
C GLU A 147 5.58 8.00 -15.15
N TYR A 148 5.73 9.32 -15.25
CA TYR A 148 4.63 10.24 -15.03
C TYR A 148 3.82 10.32 -16.32
N LEU A 149 2.57 9.86 -16.26
CA LEU A 149 1.70 9.79 -17.42
C LEU A 149 0.55 10.78 -17.30
N GLY A 150 -0.01 11.13 -18.45
CA GLY A 150 -1.13 12.05 -18.48
C GLY A 150 -1.41 12.52 -19.89
N GLU A 151 -2.14 13.62 -19.98
CA GLU A 151 -2.45 14.27 -21.25
C GLU A 151 -1.43 15.36 -21.50
N VAL A 152 -0.72 15.30 -22.62
CA VAL A 152 0.23 16.35 -22.96
C VAL A 152 -0.54 17.47 -23.67
N VAL A 153 -0.60 18.63 -23.02
CA VAL A 153 -1.37 19.76 -23.51
C VAL A 153 -0.47 20.98 -23.57
N SER A 154 -0.91 21.97 -24.33
CA SER A 154 -0.24 23.26 -24.32
C SER A 154 -0.69 24.07 -23.11
N GLU A 155 0.09 25.11 -22.79
CA GLU A 155 -0.29 25.99 -21.70
C GLU A 155 -1.62 26.68 -22.00
N GLN A 156 -1.91 26.93 -23.27
CA GLN A 156 -3.22 27.49 -23.64
C GLN A 156 -4.33 26.51 -23.30
N GLU A 157 -4.17 25.25 -23.71
CA GLU A 157 -5.18 24.23 -23.38
C GLU A 157 -5.32 24.04 -21.89
N PHE A 158 -4.20 24.04 -21.15
CA PHE A 158 -4.27 23.85 -19.71
C PHE A 158 -4.98 25.02 -19.03
N ARG A 159 -4.72 26.24 -19.48
CA ARG A 159 -5.42 27.39 -18.91
C ARG A 159 -6.92 27.33 -19.22
N ASN A 160 -7.26 26.89 -20.44
CA ASN A 160 -8.67 26.70 -20.77
C ASN A 160 -9.32 25.67 -19.84
N ARG A 161 -8.63 24.55 -19.62
CA ARG A 161 -9.16 23.51 -18.74
C ARG A 161 -9.31 24.01 -17.31
N MET A 162 -8.36 24.81 -16.84
CA MET A 162 -8.45 25.34 -15.48
C MET A 162 -9.60 26.33 -15.36
N ILE A 163 -9.84 27.13 -16.41
CA ILE A 163 -10.97 28.04 -16.38
C ILE A 163 -12.29 27.29 -16.36
N GLU A 164 -12.39 26.22 -17.15
CA GLU A 164 -13.70 25.63 -17.42
C GLU A 164 -14.07 24.46 -16.52
N GLN A 165 -13.12 23.62 -16.09
CA GLN A 165 -13.49 22.46 -15.29
C GLN A 165 -12.63 22.21 -14.05
N TYR A 166 -11.49 22.87 -13.88
CA TYR A 166 -10.68 22.70 -12.68
C TYR A 166 -10.89 23.83 -11.67
N HIS A 167 -12.09 24.43 -11.66
CA HIS A 167 -12.43 25.45 -10.67
C HIS A 167 -12.95 24.87 -9.37
N ASN A 168 -13.51 23.66 -9.41
CA ASN A 168 -14.00 22.96 -8.23
C ASN A 168 -13.01 21.95 -7.69
N HIS A 169 -11.71 22.20 -7.89
CA HIS A 169 -10.67 21.23 -7.57
C HIS A 169 -9.75 21.79 -6.48
N SER A 170 -9.43 20.95 -5.50
CA SER A 170 -8.55 21.31 -4.40
C SER A 170 -7.17 20.67 -4.53
N ASP A 171 -6.84 20.23 -5.73
CA ASP A 171 -5.51 19.60 -5.95
C ASP A 171 -4.99 20.01 -7.32
N HIS A 172 -3.77 19.58 -7.01
CA HIS A 172 -3.50 20.23 -8.32
C HIS A 172 -2.74 19.24 -9.20
N TYR A 173 -2.87 18.45 -10.40
CA TYR A 173 -2.26 17.22 -10.98
C TYR A 173 -1.61 17.54 -12.31
N CYS A 174 -0.41 18.09 -12.29
CA CYS A 174 0.26 18.44 -13.53
C CYS A 174 1.76 18.57 -13.31
N LEU A 175 2.52 18.15 -14.30
CA LEU A 175 3.96 18.36 -14.36
C LEU A 175 4.28 19.30 -15.53
N ASN A 176 5.31 20.12 -15.34
CA ASN A 176 5.81 20.94 -16.43
C ASN A 176 6.75 20.10 -17.28
N LEU A 177 6.30 19.75 -18.48
CA LEU A 177 7.14 19.08 -19.46
C LEU A 177 7.99 20.06 -20.24
N ASP A 178 7.68 21.34 -20.15
CA ASP A 178 8.25 22.39 -20.99
C ASP A 178 7.84 23.72 -20.37
N SER A 179 8.30 24.81 -20.98
CA SER A 179 7.79 26.11 -20.57
C SER A 179 6.46 26.45 -21.23
N GLY A 180 6.01 25.62 -22.18
CA GLY A 180 4.72 25.82 -22.83
C GLY A 180 3.88 24.56 -22.92
N MET A 181 4.48 23.42 -22.59
CA MET A 181 3.79 22.15 -22.57
C MET A 181 3.69 21.61 -21.14
N VAL A 182 2.59 20.92 -20.87
CA VAL A 182 2.28 20.40 -19.55
C VAL A 182 1.77 18.97 -19.70
N ILE A 183 2.16 18.11 -18.76
CA ILE A 183 1.53 16.80 -18.61
C ILE A 183 0.46 16.95 -17.53
N ASP A 184 -0.79 16.92 -17.96
CA ASP A 184 -1.94 17.11 -17.08
C ASP A 184 -2.53 15.74 -16.73
N SER A 185 -2.51 15.38 -15.46
CA SER A 185 -3.03 14.11 -15.00
C SER A 185 -4.30 14.26 -14.16
N TYR A 186 -5.02 15.38 -14.34
CA TYR A 186 -6.30 15.55 -13.66
C TYR A 186 -7.26 14.42 -14.01
N ARG A 187 -7.44 14.17 -15.30
CA ARG A 187 -8.40 13.19 -15.78
C ARG A 187 -7.79 11.85 -16.14
N MET A 188 -6.59 11.83 -16.73
CA MET A 188 -5.96 10.62 -17.22
C MET A 188 -4.51 10.56 -16.75
N GLY A 189 -4.05 9.37 -16.38
CA GLY A 189 -2.67 9.21 -15.93
C GLY A 189 -2.46 7.85 -15.30
N ASN A 190 -1.55 7.82 -14.32
CA ASN A 190 -1.24 6.61 -13.59
C ASN A 190 -1.03 6.97 -12.13
N GLU A 191 -0.49 6.02 -11.36
CA GLU A 191 -0.35 6.20 -9.92
CA GLU A 191 -0.34 6.20 -9.92
C GLU A 191 0.57 7.37 -9.56
N ALA A 192 1.46 7.78 -10.47
CA ALA A 192 2.37 8.88 -10.20
C ALA A 192 1.63 10.17 -9.85
N ARG A 193 0.36 10.28 -10.23
CA ARG A 193 -0.40 11.48 -9.90
C ARG A 193 -0.67 11.61 -8.41
N PHE A 194 -0.42 10.57 -7.61
CA PHE A 194 -0.67 10.61 -6.18
C PHE A 194 0.57 10.92 -5.36
N ILE A 195 1.72 11.11 -5.99
CA ILE A 195 2.96 11.33 -5.27
C ILE A 195 2.98 12.77 -4.74
N ASN A 196 3.29 12.92 -3.45
CA ASN A 196 3.20 14.20 -2.76
C ASN A 196 4.50 14.99 -2.88
N HIS A 197 4.42 16.27 -2.53
CA HIS A 197 5.55 17.18 -2.55
C HIS A 197 6.36 17.06 -1.25
N SER A 198 7.65 17.35 -1.36
CA SER A 198 8.51 17.50 -0.19
C SER A 198 9.55 18.57 -0.44
N CYS A 199 9.97 19.24 0.63
CA CYS A 199 11.10 20.13 0.56
C CYS A 199 12.43 19.41 0.74
N ASP A 200 12.38 18.14 1.14
CA ASP A 200 13.55 17.26 1.20
C ASP A 200 13.20 15.96 0.50
N PRO A 201 13.13 15.98 -0.83
CA PRO A 201 12.59 14.83 -1.57
C PRO A 201 13.54 13.65 -1.58
N ASN A 202 12.95 12.46 -1.72
CA ASN A 202 13.72 11.24 -1.95
C ASN A 202 13.65 10.77 -3.39
N CYS A 203 12.92 11.48 -4.26
CA CYS A 203 12.83 11.16 -5.67
C CYS A 203 12.90 12.45 -6.47
N GLU A 204 13.08 12.29 -7.78
CA GLU A 204 13.14 13.45 -8.67
C GLU A 204 12.59 13.07 -10.04
N MET A 205 12.09 14.08 -10.76
CA MET A 205 11.62 13.88 -12.12
C MET A 205 12.75 14.20 -13.09
N GLN A 206 12.90 13.36 -14.10
CA GLN A 206 13.90 13.55 -15.13
C GLN A 206 13.22 13.49 -16.49
N LYS A 207 13.59 14.43 -17.36
CA LYS A 207 13.08 14.47 -18.72
C LYS A 207 14.05 13.72 -19.62
N TRP A 208 13.56 12.67 -20.28
CA TRP A 208 14.36 11.84 -21.16
C TRP A 208 13.83 11.94 -22.58
N SER A 209 14.74 11.88 -23.55
CA SER A 209 14.38 11.71 -24.95
C SER A 209 14.29 10.22 -25.22
N VAL A 210 13.07 9.73 -25.45
CA VAL A 210 12.81 8.32 -25.71
C VAL A 210 12.28 8.21 -27.13
N ASN A 211 13.11 7.64 -28.01
CA ASN A 211 12.77 7.41 -29.42
C ASN A 211 12.03 8.60 -30.03
N GLY A 212 12.58 9.79 -29.82
CA GLY A 212 12.11 10.99 -30.49
C GLY A 212 11.11 11.82 -29.73
N VAL A 213 10.60 11.36 -28.59
CA VAL A 213 9.64 12.16 -27.82
C VAL A 213 10.14 12.31 -26.39
N TYR A 214 9.75 13.42 -25.77
CA TYR A 214 10.11 13.67 -24.38
C TYR A 214 9.16 12.90 -23.45
N ARG A 215 9.73 12.24 -22.46
CA ARG A 215 8.95 11.53 -21.45
C ARG A 215 9.59 11.76 -20.09
N ILE A 216 8.75 11.88 -19.06
CA ILE A 216 9.20 12.18 -17.71
C ILE A 216 9.19 10.91 -16.88
N GLY A 217 10.25 10.68 -16.13
CA GLY A 217 10.32 9.53 -15.25
C GLY A 217 10.75 9.94 -13.86
N LEU A 218 10.20 9.23 -12.87
CA LEU A 218 10.52 9.44 -11.46
C LEU A 218 11.63 8.47 -11.06
N TYR A 219 12.76 9.03 -10.60
CA TYR A 219 13.94 8.26 -10.22
C TYR A 219 14.28 8.54 -8.77
N ALA A 220 14.72 7.50 -8.07
CA ALA A 220 15.03 7.62 -6.65
C ALA A 220 16.26 8.50 -6.44
N LEU A 221 16.15 9.50 -5.57
CA LEU A 221 17.30 10.34 -5.24
C LEU A 221 18.24 9.65 -4.26
N LYS A 222 17.69 8.86 -3.33
CA LYS A 222 18.50 8.19 -2.32
C LYS A 222 17.84 6.86 -1.97
N ASP A 223 18.53 6.08 -1.15
CA ASP A 223 18.01 4.78 -0.74
C ASP A 223 16.80 4.95 0.18
N MET A 224 15.83 4.06 0.01
CA MET A 224 14.60 4.10 0.80
C MET A 224 14.27 2.69 1.28
N PRO A 225 13.96 2.52 2.56
CA PRO A 225 13.48 1.22 3.03
C PRO A 225 12.00 1.02 2.70
N ALA A 226 11.53 -0.20 2.94
CA ALA A 226 10.14 -0.52 2.69
C ALA A 226 9.23 0.36 3.53
N GLY A 227 8.07 0.70 2.96
CA GLY A 227 7.12 1.55 3.65
C GLY A 227 7.39 3.04 3.55
N THR A 228 8.38 3.45 2.77
CA THR A 228 8.72 4.86 2.62
C THR A 228 7.81 5.53 1.59
N GLU A 229 7.30 6.70 1.93
CA GLU A 229 6.48 7.47 1.00
C GLU A 229 7.37 8.15 -0.03
N LEU A 230 7.01 8.03 -1.30
CA LEU A 230 7.72 8.71 -2.38
C LEU A 230 7.37 10.19 -2.39
N THR A 231 8.38 11.05 -2.51
CA THR A 231 8.18 12.48 -2.62
C THR A 231 9.13 13.05 -3.65
N TYR A 232 8.75 14.21 -4.19
CA TYR A 232 9.65 14.98 -5.04
C TYR A 232 9.30 16.46 -4.88
N ASP A 233 10.17 17.32 -5.40
CA ASP A 233 10.00 18.76 -5.29
C ASP A 233 9.13 19.25 -6.44
N TYR A 234 7.92 19.72 -6.11
CA TYR A 234 7.02 20.23 -7.14
C TYR A 234 7.57 21.45 -7.85
N ASN A 235 8.55 22.13 -7.26
CA ASN A 235 9.04 23.42 -7.78
C ASN A 235 7.94 24.46 -7.82
N GLN A 244 -2.65 28.67 -3.32
CA GLN A 244 -1.42 28.51 -2.56
C GLN A 244 -1.63 27.57 -1.38
N GLN A 245 -0.81 26.54 -1.30
CA GLN A 245 -1.01 25.43 -0.37
C GLN A 245 -0.01 25.49 0.79
N LEU A 246 -0.51 25.24 2.00
CA LEU A 246 0.36 25.08 3.15
C LEU A 246 1.06 23.73 3.07
N CYS A 247 2.38 23.75 3.23
CA CYS A 247 3.19 22.54 3.08
C CYS A 247 3.28 21.80 4.41
N LYS A 248 2.91 20.52 4.39
CA LYS A 248 2.94 19.65 5.57
C LYS A 248 3.97 18.53 5.41
N CYS A 249 5.10 18.82 4.76
CA CYS A 249 6.08 17.77 4.52
C CYS A 249 6.85 17.40 5.78
N GLY A 250 6.88 18.27 6.78
CA GLY A 250 7.45 17.93 8.07
C GLY A 250 8.94 17.73 8.02
N PHE A 251 9.68 18.80 7.67
CA PHE A 251 11.12 18.68 7.56
C PHE A 251 11.78 19.97 8.00
N GLU A 252 12.78 19.83 8.87
CA GLU A 252 13.58 20.97 9.30
C GLU A 252 14.02 21.78 8.10
N LYS A 253 13.78 23.09 8.15
CA LYS A 253 14.01 24.01 7.03
C LYS A 253 12.99 23.77 5.91
N CYS A 254 11.73 23.57 6.28
CA CYS A 254 10.66 23.44 5.29
C CYS A 254 10.29 24.82 4.76
N ARG A 255 10.07 24.91 3.45
CA ARG A 255 9.77 26.18 2.79
C ARG A 255 8.43 26.77 3.21
N GLY A 256 7.63 26.06 4.00
CA GLY A 256 6.38 26.58 4.50
C GLY A 256 5.22 26.47 3.54
N ILE A 257 5.47 26.69 2.25
CA ILE A 257 4.44 26.65 1.23
C ILE A 257 4.97 25.88 0.03
N ILE A 258 4.12 25.02 -0.53
CA ILE A 258 4.49 24.22 -1.70
C ILE A 258 4.70 25.11 -2.92
N VAL B 10 8.44 -7.20 15.58
CA VAL B 10 7.94 -7.75 14.32
C VAL B 10 6.74 -6.95 13.83
N LYS B 11 6.87 -6.34 12.65
CA LYS B 11 5.83 -5.49 12.10
C LYS B 11 4.95 -6.29 11.15
N VAL B 12 3.69 -6.48 11.52
CA VAL B 12 2.70 -7.07 10.62
C VAL B 12 1.97 -5.93 9.91
N LYS B 13 1.87 -6.01 8.63
CA LYS B 13 1.27 -4.98 7.87
C LYS B 13 -0.15 -5.19 7.54
N ILE B 14 -1.00 -4.42 8.13
CA ILE B 14 -2.43 -4.47 7.81
C ILE B 14 -2.65 -3.88 6.43
N PRO B 15 -3.27 -4.62 5.51
CA PRO B 15 -3.53 -4.07 4.17
C PRO B 15 -4.23 -2.72 4.23
N GLU B 16 -3.78 -1.81 3.38
CA GLU B 16 -4.31 -0.45 3.39
C GLU B 16 -5.81 -0.41 3.10
N GLU B 17 -6.31 -1.39 2.34
CA GLU B 17 -7.73 -1.44 2.03
C GLU B 17 -8.57 -1.82 3.24
N LEU B 18 -7.99 -2.53 4.20
CA LEU B 18 -8.73 -3.02 5.36
C LEU B 18 -8.77 -2.05 6.53
N LYS B 19 -7.97 -0.98 6.51
CA LYS B 19 -7.94 -0.04 7.62
C LYS B 19 -9.26 0.72 7.76
N PRO B 20 -9.88 1.21 6.68
CA PRO B 20 -11.21 1.80 6.84
C PRO B 20 -12.22 0.84 7.46
N TRP B 21 -12.10 -0.46 7.20
CA TRP B 21 -13.00 -1.39 7.87
C TRP B 21 -12.70 -1.47 9.36
N LEU B 22 -11.43 -1.43 9.75
CA LEU B 22 -11.11 -1.41 11.17
C LEU B 22 -11.69 -0.17 11.83
N VAL B 23 -11.66 0.96 11.13
CA VAL B 23 -12.30 2.17 11.64
C VAL B 23 -13.81 1.95 11.79
N ASP B 24 -14.44 1.33 10.79
CA ASP B 24 -15.88 1.07 10.86
C ASP B 24 -16.22 0.14 12.00
N ASP B 25 -15.43 -0.92 12.19
CA ASP B 25 -15.60 -1.84 13.31
C ASP B 25 -15.53 -1.10 14.64
N TRP B 26 -14.50 -0.26 14.80
CA TRP B 26 -14.37 0.56 16.00
C TRP B 26 -15.59 1.47 16.18
N ASP B 27 -16.11 2.01 15.09
CA ASP B 27 -17.28 2.89 15.18
C ASP B 27 -18.51 2.13 15.63
N LEU B 28 -18.75 0.96 15.01
CA LEU B 28 -19.93 0.16 15.34
C LEU B 28 -19.90 -0.28 16.80
N ILE B 29 -18.76 -0.80 17.26
CA ILE B 29 -18.70 -1.33 18.62
C ILE B 29 -18.66 -0.19 19.65
N THR B 30 -17.78 0.78 19.43
CA THR B 30 -17.41 1.77 20.44
C THR B 30 -18.34 2.97 20.46
N ARG B 31 -18.78 3.47 19.31
CA ARG B 31 -19.67 4.62 19.26
C ARG B 31 -21.14 4.18 19.21
N GLN B 32 -21.50 3.42 18.18
CA GLN B 32 -22.90 3.06 17.97
C GLN B 32 -23.40 1.98 18.90
N LYS B 33 -22.54 1.40 19.73
CA LYS B 33 -22.92 0.38 20.72
C LYS B 33 -23.63 -0.81 20.06
N GLN B 34 -23.05 -1.28 18.95
CA GLN B 34 -23.54 -2.48 18.28
C GLN B 34 -22.66 -3.67 18.64
N LEU B 35 -23.14 -4.86 18.26
CA LEU B 35 -22.45 -6.10 18.54
C LEU B 35 -22.48 -7.00 17.32
N PHE B 36 -21.36 -7.69 17.09
CA PHE B 36 -21.27 -8.65 16.00
C PHE B 36 -22.17 -9.86 16.29
N TYR B 37 -22.83 -10.37 15.25
CA TYR B 37 -23.75 -11.47 15.42
C TYR B 37 -23.00 -12.73 15.81
N LEU B 38 -23.30 -13.25 17.00
CA LEU B 38 -22.72 -14.48 17.50
C LEU B 38 -23.80 -15.52 17.76
N PRO B 39 -23.55 -16.80 17.45
CA PRO B 39 -22.34 -17.34 16.82
C PRO B 39 -22.17 -16.86 15.39
N ALA B 40 -20.93 -16.64 14.97
CA ALA B 40 -20.67 -16.08 13.65
C ALA B 40 -21.23 -16.96 12.55
N LYS B 41 -21.91 -16.35 11.58
CA LYS B 41 -22.43 -17.09 10.44
C LYS B 41 -21.30 -17.56 9.54
N LYS B 42 -20.20 -16.82 9.49
CA LYS B 42 -18.99 -17.19 8.75
C LYS B 42 -17.83 -17.15 9.75
N ASN B 43 -17.59 -18.28 10.41
CA ASN B 43 -16.65 -18.28 11.53
C ASN B 43 -15.21 -18.35 11.03
N VAL B 44 -14.28 -18.15 11.96
CA VAL B 44 -12.86 -18.12 11.62
C VAL B 44 -12.42 -19.45 11.02
N ASP B 45 -12.99 -20.56 11.51
CA ASP B 45 -12.65 -21.87 10.95
C ASP B 45 -12.98 -21.94 9.47
N SER B 46 -14.16 -21.42 9.08
CA SER B 46 -14.55 -21.42 7.68
C SER B 46 -13.60 -20.58 6.84
N ILE B 47 -13.20 -19.42 7.34
CA ILE B 47 -12.31 -18.53 6.60
C ILE B 47 -10.94 -19.17 6.42
N LEU B 48 -10.43 -19.82 7.48
CA LEU B 48 -9.14 -20.49 7.36
C LEU B 48 -9.22 -21.66 6.40
N GLU B 49 -10.32 -22.43 6.44
CA GLU B 49 -10.52 -23.51 5.49
C GLU B 49 -10.57 -22.98 4.06
N ASP B 50 -11.28 -21.88 3.84
CA ASP B 50 -11.36 -21.28 2.52
C ASP B 50 -9.99 -20.84 2.03
N TYR B 51 -9.19 -20.24 2.90
CA TYR B 51 -7.85 -19.82 2.49
C TYR B 51 -6.97 -21.03 2.17
N ALA B 52 -7.04 -22.07 3.01
CA ALA B 52 -6.24 -23.26 2.75
C ALA B 52 -6.61 -23.90 1.43
N ASN B 53 -7.91 -23.90 1.10
CA ASN B 53 -8.33 -24.43 -0.20
C ASN B 53 -7.93 -23.51 -1.35
N TYR B 54 -7.92 -22.19 -1.10
CA TYR B 54 -7.47 -21.25 -2.13
C TYR B 54 -5.99 -21.42 -2.43
N LYS B 55 -5.21 -21.86 -1.44
CA LYS B 55 -3.78 -22.06 -1.67
C LYS B 55 -3.50 -23.35 -2.46
N LYS B 56 -4.24 -24.42 -2.17
CA LYS B 56 -3.98 -25.70 -2.82
C LYS B 56 -4.63 -25.81 -4.19
N SER B 57 -5.34 -24.78 -4.65
CA SER B 57 -5.93 -24.79 -5.97
C SER B 57 -4.93 -24.25 -7.00
N LYS B 64 4.01 -27.52 -0.46
CA LYS B 64 3.62 -26.30 0.24
C LYS B 64 2.30 -26.47 0.98
N GLU B 65 1.67 -27.64 0.82
CA GLU B 65 0.40 -27.88 1.48
C GLU B 65 0.57 -28.04 2.99
N TYR B 66 1.60 -28.77 3.42
CA TYR B 66 1.87 -28.88 4.85
C TYR B 66 2.20 -27.52 5.47
N ALA B 67 2.81 -26.63 4.69
CA ALA B 67 3.13 -25.30 5.20
C ALA B 67 1.87 -24.47 5.42
N VAL B 68 0.99 -24.42 4.42
CA VAL B 68 -0.25 -23.66 4.55
C VAL B 68 -1.08 -24.18 5.72
N ASN B 69 -1.13 -25.51 5.88
CA ASN B 69 -1.88 -26.07 7.00
C ASN B 69 -1.25 -25.69 8.34
N GLU B 70 0.08 -25.59 8.39
CA GLU B 70 0.73 -25.15 9.62
C GLU B 70 0.40 -23.69 9.93
N VAL B 71 0.38 -22.84 8.92
CA VAL B 71 -0.02 -21.45 9.12
C VAL B 71 -1.45 -21.37 9.62
N VAL B 72 -2.35 -22.16 9.03
CA VAL B 72 -3.75 -22.14 9.45
C VAL B 72 -3.89 -22.60 10.89
N ALA B 73 -3.19 -23.68 11.26
CA ALA B 73 -3.25 -24.17 12.62
C ALA B 73 -2.68 -23.16 13.60
N GLY B 74 -1.59 -22.50 13.23
CA GLY B 74 -1.01 -21.49 14.11
C GLY B 74 -1.91 -20.29 14.29
N ILE B 75 -2.52 -19.81 13.22
CA ILE B 75 -3.47 -18.71 13.33
C ILE B 75 -4.63 -19.12 14.23
N LYS B 76 -5.12 -20.35 14.08
CA LYS B 76 -6.19 -20.84 14.93
C LYS B 76 -5.78 -20.85 16.40
N GLU B 77 -4.57 -21.35 16.69
CA GLU B 77 -4.12 -21.44 18.08
C GLU B 77 -3.96 -20.05 18.69
N TYR B 78 -3.29 -19.14 17.97
CA TYR B 78 -3.12 -17.78 18.45
C TYR B 78 -4.46 -17.09 18.68
N PHE B 79 -5.41 -17.26 17.74
CA PHE B 79 -6.72 -16.64 17.89
C PHE B 79 -7.45 -17.22 19.10
N ASN B 80 -7.41 -18.54 19.28
CA ASN B 80 -8.13 -19.16 20.38
C ASN B 80 -7.53 -18.78 21.73
N VAL B 81 -6.26 -18.40 21.76
CA VAL B 81 -5.71 -17.88 23.01
C VAL B 81 -6.00 -16.39 23.18
N MET B 82 -5.96 -15.62 22.08
CA MET B 82 -5.95 -14.16 22.19
C MET B 82 -7.32 -13.51 22.13
N LEU B 83 -8.35 -14.21 21.63
CA LEU B 83 -9.66 -13.59 21.47
C LEU B 83 -10.18 -13.05 22.80
N GLY B 84 -10.22 -13.89 23.83
CA GLY B 84 -10.75 -13.48 25.11
C GLY B 84 -9.84 -12.61 25.93
N THR B 85 -8.59 -12.43 25.52
CA THR B 85 -7.63 -11.66 26.30
C THR B 85 -7.37 -10.27 25.72
N GLN B 86 -7.09 -10.18 24.41
CA GLN B 86 -6.61 -8.94 23.82
C GLN B 86 -7.41 -8.45 22.62
N LEU B 87 -8.37 -9.22 22.11
CA LEU B 87 -9.03 -8.91 20.85
C LEU B 87 -10.42 -8.32 21.02
N LEU B 88 -10.84 -8.03 22.25
CA LEU B 88 -12.18 -7.55 22.51
C LEU B 88 -12.16 -6.10 23.00
N TYR B 89 -13.05 -5.29 22.45
CA TYR B 89 -13.37 -4.00 23.06
C TYR B 89 -14.10 -4.24 24.38
N LYS B 90 -13.98 -3.28 25.29
CA LYS B 90 -14.59 -3.44 26.60
C LYS B 90 -16.10 -3.65 26.48
N PHE B 91 -16.75 -2.90 25.59
CA PHE B 91 -18.19 -3.04 25.38
C PHE B 91 -18.58 -4.44 24.95
N GLU B 92 -17.64 -5.24 24.46
CA GLU B 92 -17.92 -6.60 24.02
C GLU B 92 -17.77 -7.63 25.11
N ARG B 93 -17.21 -7.27 26.28
CA ARG B 93 -16.94 -8.27 27.31
C ARG B 93 -18.20 -9.02 27.75
N PRO B 94 -19.32 -8.37 28.08
CA PRO B 94 -20.50 -9.15 28.49
C PRO B 94 -20.91 -10.20 27.46
N GLN B 95 -21.10 -9.80 26.20
CA GLN B 95 -21.44 -10.74 25.14
C GLN B 95 -20.52 -11.95 25.16
N TYR B 96 -19.21 -11.70 25.20
CA TYR B 96 -18.23 -12.79 25.28
C TYR B 96 -18.54 -13.72 26.44
N ALA B 97 -18.70 -13.16 27.64
CA ALA B 97 -19.09 -13.98 28.79
C ALA B 97 -20.34 -14.78 28.46
N GLU B 98 -21.37 -14.11 27.92
CA GLU B 98 -22.59 -14.79 27.50
C GLU B 98 -22.25 -16.00 26.65
N ILE B 99 -21.41 -15.80 25.63
CA ILE B 99 -21.07 -16.90 24.73
C ILE B 99 -20.48 -18.06 25.52
N LEU B 100 -19.52 -17.76 26.41
CA LEU B 100 -18.91 -18.82 27.19
C LEU B 100 -19.95 -19.57 28.01
N ALA B 101 -20.94 -18.85 28.54
CA ALA B 101 -21.99 -19.51 29.30
C ALA B 101 -22.87 -20.36 28.40
N ASP B 102 -23.14 -19.88 27.19
CA ASP B 102 -24.12 -20.56 26.35
C ASP B 102 -23.52 -21.74 25.59
N HIS B 103 -22.23 -21.67 25.25
CA HIS B 103 -21.58 -22.70 24.42
C HIS B 103 -20.20 -23.00 24.99
N PRO B 104 -20.13 -23.63 26.15
CA PRO B 104 -18.83 -23.99 26.71
C PRO B 104 -18.15 -25.06 25.87
N ASP B 105 -16.82 -25.11 26.00
CA ASP B 105 -15.95 -26.02 25.25
C ASP B 105 -16.02 -25.79 23.74
N ALA B 106 -16.66 -24.72 23.28
CA ALA B 106 -16.59 -24.32 21.89
C ALA B 106 -15.41 -23.37 21.70
N PRO B 107 -14.44 -23.70 20.86
CA PRO B 107 -13.30 -22.79 20.69
C PRO B 107 -13.71 -21.49 20.02
N MET B 108 -12.94 -20.44 20.29
CA MET B 108 -13.31 -19.11 19.81
C MET B 108 -13.23 -19.02 18.28
N SER B 109 -12.36 -19.81 17.66
CA SER B 109 -12.28 -19.85 16.20
C SER B 109 -13.56 -20.39 15.56
N GLN B 110 -14.41 -21.06 16.33
CA GLN B 110 -15.71 -21.49 15.84
C GLN B 110 -16.83 -20.52 16.16
N VAL B 111 -16.64 -19.64 17.14
CA VAL B 111 -17.71 -18.74 17.56
C VAL B 111 -17.60 -17.40 16.87
N TYR B 112 -16.40 -16.86 16.74
CA TYR B 112 -16.20 -15.52 16.21
C TYR B 112 -15.86 -15.57 14.72
N GLY B 113 -15.90 -14.40 14.08
CA GLY B 113 -15.83 -14.30 12.65
C GLY B 113 -14.73 -13.37 12.17
N ALA B 114 -14.96 -12.78 10.99
CA ALA B 114 -13.91 -12.06 10.27
C ALA B 114 -13.41 -10.81 10.98
N PRO B 115 -14.25 -9.92 11.53
CA PRO B 115 -13.69 -8.70 12.16
C PRO B 115 -12.69 -8.98 13.28
N HIS B 116 -12.95 -9.99 14.11
CA HIS B 116 -12.08 -10.24 15.24
C HIS B 116 -10.78 -10.93 14.79
N LEU B 117 -10.88 -11.81 13.80
CA LEU B 117 -9.69 -12.43 13.21
C LEU B 117 -8.80 -11.37 12.57
N LEU B 118 -9.41 -10.33 11.98
CA LEU B 118 -8.63 -9.20 11.47
C LEU B 118 -7.98 -8.44 12.62
N ARG B 119 -8.74 -8.17 13.68
CA ARG B 119 -8.17 -7.56 14.88
C ARG B 119 -6.96 -8.33 15.38
N LEU B 120 -6.94 -9.65 15.18
CA LEU B 120 -5.82 -10.46 15.66
C LEU B 120 -4.49 -9.96 15.11
N PHE B 121 -4.45 -9.60 13.83
CA PHE B 121 -3.19 -9.20 13.21
C PHE B 121 -2.72 -7.82 13.64
N VAL B 122 -3.59 -7.03 14.29
CA VAL B 122 -3.16 -5.76 14.84
C VAL B 122 -2.25 -5.98 16.05
N ARG B 123 -2.36 -7.14 16.73
CA ARG B 123 -1.63 -7.39 17.96
C ARG B 123 -0.68 -8.58 17.91
N ILE B 124 -0.73 -9.42 16.87
CA ILE B 124 0.05 -10.66 16.88
C ILE B 124 1.54 -10.38 16.69
N GLY B 125 1.89 -9.28 16.02
CA GLY B 125 3.29 -9.00 15.75
C GLY B 125 4.12 -8.87 17.01
N ALA B 126 3.53 -8.28 18.06
CA ALA B 126 4.22 -8.21 19.34
C ALA B 126 4.54 -9.58 19.88
N MET B 127 3.63 -10.55 19.68
CA MET B 127 3.86 -11.91 20.16
C MET B 127 4.86 -12.66 19.29
N LEU B 128 4.94 -12.34 17.99
CA LEU B 128 5.81 -13.07 17.09
C LEU B 128 7.28 -12.84 17.40
N ALA B 129 7.62 -11.77 18.11
CA ALA B 129 9.01 -11.52 18.49
C ALA B 129 9.52 -12.51 19.52
N TYR B 130 8.64 -13.30 20.15
CA TYR B 130 9.04 -14.27 21.16
C TYR B 130 8.87 -15.71 20.68
N THR B 131 8.72 -15.91 19.36
CA THR B 131 8.63 -17.26 18.83
C THR B 131 10.02 -17.83 18.60
N PRO B 132 10.23 -19.14 18.90
CA PRO B 132 11.54 -19.78 18.78
C PRO B 132 11.94 -20.10 17.34
N LEU B 133 11.82 -19.10 16.47
CA LEU B 133 12.21 -19.21 15.07
C LEU B 133 13.38 -18.29 14.77
N ASP B 134 14.16 -18.67 13.75
CA ASP B 134 15.31 -17.90 13.31
C ASP B 134 14.84 -16.83 12.33
N GLU B 135 15.78 -16.20 11.63
CA GLU B 135 15.43 -15.10 10.74
C GLU B 135 14.75 -15.60 9.46
N LYS B 136 15.28 -16.67 8.86
CA LYS B 136 14.69 -17.19 7.63
C LYS B 136 13.27 -17.70 7.86
N SER B 137 13.06 -18.45 8.96
CA SER B 137 11.74 -18.98 9.24
C SER B 137 10.77 -17.88 9.65
N LEU B 138 11.24 -16.87 10.38
CA LEU B 138 10.38 -15.75 10.72
C LEU B 138 9.97 -14.98 9.47
N ALA B 139 10.88 -14.83 8.52
CA ALA B 139 10.54 -14.19 7.25
C ALA B 139 9.51 -15.02 6.48
N LEU B 140 9.68 -16.34 6.47
CA LEU B 140 8.69 -17.21 5.85
C LEU B 140 7.32 -17.06 6.51
N LEU B 141 7.29 -17.01 7.83
CA LEU B 141 6.04 -16.86 8.56
C LEU B 141 5.38 -15.53 8.23
N LEU B 142 6.16 -14.45 8.21
CA LEU B 142 5.61 -13.15 7.83
C LEU B 142 5.08 -13.17 6.40
N ASN B 143 5.78 -13.88 5.52
CA ASN B 143 5.30 -14.02 4.15
C ASN B 143 3.93 -14.67 4.11
N TYR B 144 3.77 -15.78 4.82
CA TYR B 144 2.48 -16.46 4.84
C TYR B 144 1.40 -15.62 5.50
N LEU B 145 1.76 -14.87 6.55
CA LEU B 145 0.78 -14.03 7.24
C LEU B 145 0.30 -12.89 6.35
N HIS B 146 1.23 -12.23 5.65
CA HIS B 146 0.82 -11.18 4.73
C HIS B 146 0.03 -11.74 3.56
N ASP B 147 0.36 -12.96 3.12
CA ASP B 147 -0.44 -13.60 2.09
C ASP B 147 -1.88 -13.81 2.55
N PHE B 148 -2.05 -14.32 3.78
CA PHE B 148 -3.39 -14.50 4.31
C PHE B 148 -4.10 -13.16 4.48
N LEU B 149 -3.37 -12.12 4.87
CA LEU B 149 -3.99 -10.81 5.04
C LEU B 149 -4.47 -10.25 3.72
N LYS B 150 -3.69 -10.40 2.65
CA LYS B 150 -4.15 -9.95 1.35
C LYS B 150 -5.26 -10.85 0.80
N TYR B 151 -5.31 -12.12 1.23
CA TYR B 151 -6.49 -12.93 0.94
C TYR B 151 -7.73 -12.35 1.59
N LEU B 152 -7.61 -11.94 2.85
CA LEU B 152 -8.72 -11.26 3.52
C LEU B 152 -9.10 -9.98 2.77
N ALA B 153 -8.11 -9.23 2.32
CA ALA B 153 -8.37 -7.98 1.61
C ALA B 153 -9.09 -8.24 0.29
N LYS B 154 -8.72 -9.31 -0.42
CA LYS B 154 -9.39 -9.62 -1.67
C LYS B 154 -10.87 -9.91 -1.45
N ASN B 155 -11.19 -10.69 -0.42
CA ASN B 155 -12.57 -11.07 -0.14
C ASN B 155 -13.22 -10.14 0.89
N SER B 156 -12.80 -8.88 0.93
CA SER B 156 -13.29 -7.96 1.97
C SER B 156 -14.78 -7.65 1.79
N ALA B 157 -15.29 -7.72 0.56
CA ALA B 157 -16.69 -7.39 0.33
C ALA B 157 -17.62 -8.37 1.02
N THR B 158 -17.28 -9.66 0.99
CA THR B 158 -18.11 -10.68 1.63
C THR B 158 -17.77 -10.87 3.10
N LEU B 159 -16.51 -10.64 3.49
CA LEU B 159 -16.08 -10.97 4.86
C LEU B 159 -16.46 -9.87 5.84
N PHE B 160 -16.17 -8.61 5.52
CA PHE B 160 -16.35 -7.50 6.43
C PHE B 160 -17.54 -6.65 5.98
N SER B 161 -18.54 -6.51 6.85
CA SER B 161 -19.76 -5.80 6.51
C SER B 161 -20.51 -5.42 7.78
N ALA B 162 -21.05 -4.20 7.78
CA ALA B 162 -21.84 -3.74 8.93
C ALA B 162 -23.14 -4.51 9.09
N SER B 163 -23.60 -5.21 8.04
CA SER B 163 -24.83 -5.99 8.14
C SER B 163 -24.68 -7.16 9.10
N ASP B 164 -23.46 -7.54 9.48
CA ASP B 164 -23.23 -8.54 10.50
C ASP B 164 -23.30 -7.97 11.91
N TYR B 165 -23.58 -6.68 12.06
CA TYR B 165 -23.67 -6.03 13.36
C TYR B 165 -25.12 -5.66 13.65
N GLU B 166 -25.48 -5.70 14.93
CA GLU B 166 -26.83 -5.34 15.33
C GLU B 166 -26.78 -4.48 16.59
N VAL B 167 -27.76 -3.59 16.70
CA VAL B 167 -27.87 -2.74 17.90
C VAL B 167 -28.02 -3.62 19.13
N ALA B 168 -27.19 -3.36 20.13
CA ALA B 168 -27.29 -4.11 21.38
C ALA B 168 -28.59 -3.74 22.09
N PRO B 169 -29.35 -4.71 22.55
CA PRO B 169 -30.63 -4.40 23.22
C PRO B 169 -30.39 -3.66 24.52
N PRO B 170 -31.41 -2.92 25.01
CA PRO B 170 -31.25 -2.24 26.30
C PRO B 170 -30.92 -3.16 27.46
N GLU B 171 -31.31 -4.44 27.37
CA GLU B 171 -30.90 -5.41 28.37
C GLU B 171 -29.39 -5.48 28.51
N TYR B 172 -28.66 -5.30 27.39
CA TYR B 172 -27.22 -5.50 27.39
C TYR B 172 -26.49 -4.40 28.16
N HIS B 173 -27.04 -3.19 28.19
CA HIS B 173 -26.35 -2.06 28.81
C HIS B 173 -26.44 -2.06 30.33
N ARG B 174 -27.42 -2.77 30.90
CA ARG B 174 -27.60 -2.83 32.34
C ARG B 174 -27.78 -1.44 32.95
ZN ZN C . 7.75 21.28 3.15
ZN ZN D . 22.16 0.71 -24.74
ZN ZN E . 25.43 2.50 -24.11
N SAM F . -2.33 13.93 -1.96
CA SAM F . -2.91 14.12 -3.29
C SAM F . -4.30 13.49 -3.42
O SAM F . -4.77 13.20 -4.52
OXT SAM F . -4.98 13.25 -2.42
CB SAM F . -1.96 13.55 -4.35
CG SAM F . -0.90 14.53 -4.83
SD SAM F . -1.60 15.82 -5.89
CE SAM F . -0.52 15.74 -7.35
C5' SAM F . -0.97 17.33 -5.12
C4' SAM F . -1.86 17.82 -3.99
O4' SAM F . -1.63 17.06 -2.81
C3' SAM F . -1.59 19.29 -3.65
O3' SAM F . -2.55 20.12 -4.25
C2' SAM F . -1.73 19.33 -2.14
O2' SAM F . -3.07 19.64 -1.83
C1' SAM F . -1.46 17.91 -1.70
N9 SAM F . -0.07 17.84 -1.24
C8 SAM F . 0.98 17.29 -1.93
N7 SAM F . 2.10 17.43 -1.18
C5 SAM F . 1.77 18.07 -0.03
C6 SAM F . 2.52 18.45 1.07
N6 SAM F . 3.83 18.22 1.12
N1 SAM F . 1.90 19.10 2.12
C2 SAM F . 0.56 19.35 2.08
N3 SAM F . -0.19 18.97 0.98
C4 SAM F . 0.41 18.32 -0.06
C1 GOL G . -25.34 -12.14 20.27
O1 GOL G . -25.16 -11.43 19.07
C2 GOL G . -25.35 -11.12 21.43
O2 GOL G . -24.78 -11.64 22.59
C3 GOL G . -26.84 -10.73 21.65
O3 GOL G . -26.89 -9.89 22.76
#